data_9FWL
#
_entry.id   9FWL
#
_cell.length_a   43.95
_cell.length_b   100.303
_cell.length_c   51.378
_cell.angle_alpha   90
_cell.angle_beta   114.64
_cell.angle_gamma   90
#
_symmetry.space_group_name_H-M   'P 1 21 1'
#
loop_
_entity.id
_entity.type
_entity.pdbx_description
1 polymer 'Non-structural protein 10'
2 polymer 'Guanine-N7 methyltransferase nsp14'
3 non-polymer 'DIMETHYL SULFOXIDE'
4 non-polymer 'ZINC ION'
5 non-polymer 3-phenylthiophene-2-carboxamide
6 water water
#
loop_
_entity_poly.entity_id
_entity_poly.type
_entity_poly.pdbx_seq_one_letter_code
_entity_poly.pdbx_strand_id
1 'polypeptide(L)'
;AGNATEVPANSTVLSFCAFAVDAAKAYKDYLASGGQPITNCVKMLCTHTGTGQAITVTPEANMDQESFGGASCCLYCRCH
IDHPNPKGFCDLKGKYVQIPTTCANDPVGFTLKNTVCTVCGMWKGYGCSCD
;
A
2 'polypeptide(L)'
;MAENVTGLFKDCSKVITGLHPTQAPTHLSVDTKFKTEGLCVDIPGIPKDMTYRRLISMMGFKMNYQVNGYPNMFITREEA
IRHVRAWIGFDVEGCHATREAVGTNLPLQLGFSTGVNLVAVPTGYVDTPNNTDFSRVSAKPPPGDQFKHLIPLMYKGLPW
NVVRIKIVQMLSDTLKNLSDRVVFVLWAHGFELTSMKYFVKIGPERTCCLCDRRATCFSTASDTYACWHHSIGFDYVYNP
FMIDVQQWGFTGNLQSNHDLYCQVHGNAHVASCDAIMTRCLAVHECFVKR
;
B
#
loop_
_chem_comp.id
_chem_comp.type
_chem_comp.name
_chem_comp.formula
A1IGO non-polymer 3-phenylthiophene-2-carboxamide 'C11 H9 N O S'
DMS non-polymer 'DIMETHYL SULFOXIDE' 'C2 H6 O S'
ZN non-polymer 'ZINC ION' 'Zn 2'
#
# COMPACT_ATOMS: atom_id res chain seq x y z
N ALA A 1 0.56 1.04 20.16
CA ALA A 1 1.10 -0.31 20.08
C ALA A 1 1.86 -0.51 18.77
N GLY A 2 2.85 -1.39 18.78
CA GLY A 2 3.62 -1.65 17.58
C GLY A 2 4.93 -0.92 17.50
N ASN A 3 5.74 -1.26 16.49
CA ASN A 3 7.05 -0.64 16.30
C ASN A 3 7.20 -0.12 14.90
N ALA A 4 7.48 1.17 14.76
CA ALA A 4 7.67 1.79 13.46
C ALA A 4 8.83 1.21 12.66
N THR A 5 8.60 0.94 11.36
CA THR A 5 9.67 0.48 10.47
C THR A 5 10.19 1.62 9.60
N GLU A 6 9.39 2.67 9.36
CA GLU A 6 9.74 3.69 8.40
C GLU A 6 9.85 5.11 8.91
N VAL A 7 10.54 5.96 8.13
CA VAL A 7 10.75 7.39 8.37
C VAL A 7 9.87 8.22 7.38
N PRO A 8 9.49 9.46 7.76
CA PRO A 8 8.59 10.25 6.89
C PRO A 8 9.12 10.60 5.49
N ALA A 9 10.44 10.61 5.29
CA ALA A 9 11.01 10.95 3.97
C ALA A 9 10.68 9.88 2.91
N ASN A 10 10.26 8.67 3.32
CA ASN A 10 9.91 7.61 2.37
C ASN A 10 8.41 7.45 2.14
N SER A 11 7.56 8.11 2.97
CA SER A 11 6.11 7.96 2.92
C SER A 11 5.50 8.12 1.54
N THR A 12 5.85 9.19 0.83
CA THR A 12 5.28 9.43 -0.51
C THR A 12 5.67 8.37 -1.56
N VAL A 13 6.94 8.03 -1.68
CA VAL A 13 7.38 7.08 -2.70
C VAL A 13 6.85 5.67 -2.40
N LEU A 14 6.82 5.27 -1.12
CA LEU A 14 6.31 3.95 -0.78
C LEU A 14 4.83 3.90 -1.02
N SER A 15 4.06 4.99 -0.73
CA SER A 15 2.63 4.99 -0.96
C SER A 15 2.32 4.90 -2.46
N PHE A 16 3.07 5.67 -3.28
CA PHE A 16 2.95 5.68 -4.74
C PHE A 16 3.17 4.28 -5.31
N CYS A 17 4.28 3.62 -4.94
CA CYS A 17 4.63 2.29 -5.44
C CYS A 17 3.74 1.18 -4.83
N ALA A 18 3.19 1.39 -3.63
CA ALA A 18 2.25 0.43 -3.02
C ALA A 18 0.92 0.33 -3.76
N PHE A 19 0.56 1.37 -4.51
CA PHE A 19 -0.72 1.38 -5.22
C PHE A 19 -0.56 1.14 -6.72
N ALA A 20 0.64 1.32 -7.29
CA ALA A 20 0.84 1.19 -8.73
C ALA A 20 0.54 -0.19 -9.32
N VAL A 21 0.05 -0.23 -10.58
CA VAL A 21 -0.10 -1.50 -11.32
C VAL A 21 1.33 -2.07 -11.50
N ASP A 22 2.25 -1.21 -11.96
CA ASP A 22 3.63 -1.56 -12.19
C ASP A 22 4.50 -0.77 -11.20
N ALA A 23 4.83 -1.36 -10.05
CA ALA A 23 5.66 -0.73 -9.00
C ALA A 23 7.05 -0.33 -9.47
N ALA A 24 7.74 -1.21 -10.23
CA ALA A 24 9.07 -0.92 -10.74
C ALA A 24 9.07 0.32 -11.64
N LYS A 25 8.07 0.43 -12.55
CA LYS A 25 7.93 1.58 -13.43
C LYS A 25 7.59 2.84 -12.62
N ALA A 26 6.72 2.70 -11.59
CA ALA A 26 6.36 3.84 -10.75
C ALA A 26 7.59 4.38 -10.01
N TYR A 27 8.48 3.49 -9.53
CA TYR A 27 9.68 3.92 -8.84
C TYR A 27 10.63 4.70 -9.77
N LYS A 28 10.83 4.17 -10.98
CA LYS A 28 11.65 4.77 -12.03
C LYS A 28 11.09 6.14 -12.46
N ASP A 29 9.77 6.22 -12.66
CA ASP A 29 9.12 7.49 -13.01
C ASP A 29 9.16 8.52 -11.86
N TYR A 30 9.07 8.05 -10.61
CA TYR A 30 9.15 8.93 -9.42
C TYR A 30 10.51 9.65 -9.39
N LEU A 31 11.60 8.89 -9.62
CA LEU A 31 12.96 9.42 -9.66
C LEU A 31 13.12 10.37 -10.87
N ALA A 32 12.62 9.99 -12.04
CA ALA A 32 12.71 10.81 -13.25
C ALA A 32 12.01 12.19 -13.07
N SER A 33 10.99 12.27 -12.17
CA SER A 33 10.32 13.52 -11.88
C SER A 33 10.90 14.30 -10.69
N GLY A 34 12.09 13.92 -10.23
CA GLY A 34 12.76 14.65 -9.18
C GLY A 34 12.64 14.14 -7.76
N GLY A 35 12.01 12.97 -7.60
CA GLY A 35 11.85 12.37 -6.29
C GLY A 35 13.13 11.76 -5.74
N GLN A 36 13.26 11.75 -4.42
CA GLN A 36 14.42 11.18 -3.76
C GLN A 36 14.36 9.66 -3.73
N PRO A 37 15.53 9.00 -3.81
CA PRO A 37 15.53 7.53 -3.71
C PRO A 37 15.13 7.06 -2.31
N ILE A 38 14.67 5.82 -2.22
CA ILE A 38 14.29 5.22 -0.94
C ILE A 38 15.53 5.15 -0.02
N THR A 39 15.37 5.66 1.20
CA THR A 39 16.41 5.71 2.21
C THR A 39 16.07 4.70 3.36
N ASN A 40 16.81 4.73 4.51
CA ASN A 40 16.51 3.84 5.62
C ASN A 40 16.74 2.36 5.22
N CYS A 41 17.71 2.10 4.30
CA CYS A 41 18.13 0.76 3.89
C CYS A 41 19.05 0.19 5.02
N VAL A 42 19.38 -1.10 4.95
CA VAL A 42 20.25 -1.75 5.92
C VAL A 42 21.65 -1.79 5.32
N LYS A 43 22.51 -0.85 5.71
CA LYS A 43 23.88 -0.82 5.20
C LYS A 43 24.79 -1.53 6.20
N MET A 44 25.71 -2.36 5.71
CA MET A 44 26.59 -3.13 6.60
C MET A 44 27.99 -2.57 6.76
N LEU A 45 28.59 -2.85 7.91
CA LEU A 45 29.98 -2.56 8.21
C LEU A 45 30.70 -3.86 7.91
N CYS A 46 31.66 -3.82 6.99
CA CYS A 46 32.40 -5.02 6.59
C CYS A 46 33.89 -4.66 6.33
N THR A 47 34.71 -5.67 6.00
CA THR A 47 36.13 -5.44 5.76
C THR A 47 36.48 -5.09 4.31
N HIS A 48 35.49 -5.08 3.38
CA HIS A 48 35.74 -4.79 1.96
C HIS A 48 36.83 -5.69 1.34
N THR A 49 36.94 -6.92 1.85
CA THR A 49 37.84 -7.93 1.29
C THR A 49 37.05 -9.18 0.87
N GLY A 50 35.80 -8.99 0.46
CA GLY A 50 34.93 -10.09 0.05
C GLY A 50 35.09 -10.48 -1.41
N THR A 51 34.34 -11.52 -1.82
CA THR A 51 34.40 -12.05 -3.17
C THR A 51 33.84 -11.14 -4.24
N GLY A 52 32.98 -10.19 -3.87
CA GLY A 52 32.38 -9.28 -4.84
C GLY A 52 31.17 -9.86 -5.56
N GLN A 53 30.75 -11.08 -5.18
CA GLN A 53 29.56 -11.71 -5.77
C GLN A 53 28.33 -10.90 -5.37
N ALA A 54 27.36 -10.81 -6.28
CA ALA A 54 26.15 -10.00 -6.11
C ALA A 54 25.27 -10.34 -4.91
N ILE A 55 24.90 -11.62 -4.70
CA ILE A 55 23.97 -12.07 -3.65
C ILE A 55 24.62 -13.17 -2.86
N THR A 56 24.81 -12.97 -1.55
CA THR A 56 25.59 -13.87 -0.70
C THR A 56 24.99 -14.13 0.69
N VAL A 57 25.48 -15.18 1.37
CA VAL A 57 25.04 -15.57 2.70
C VAL A 57 25.50 -14.56 3.77
N THR A 58 26.72 -14.06 3.65
CA THR A 58 27.28 -13.04 4.54
C THR A 58 27.79 -11.87 3.68
N PRO A 59 28.09 -10.70 4.28
CA PRO A 59 28.59 -9.58 3.48
C PRO A 59 29.86 -9.94 2.71
N GLU A 60 29.87 -9.67 1.42
CA GLU A 60 30.99 -10.02 0.55
C GLU A 60 31.45 -8.86 -0.31
N ALA A 61 31.29 -7.62 0.16
CA ALA A 61 31.72 -6.46 -0.62
C ALA A 61 33.22 -6.46 -0.83
N ASN A 62 33.64 -6.12 -2.06
CA ASN A 62 35.06 -5.91 -2.36
C ASN A 62 35.29 -4.36 -2.22
N MET A 63 36.43 -3.81 -2.70
CA MET A 63 36.71 -2.38 -2.54
C MET A 63 35.88 -1.47 -3.44
N ASP A 64 35.24 -2.01 -4.47
CA ASP A 64 34.37 -1.23 -5.35
C ASP A 64 32.91 -1.27 -4.94
N GLN A 65 32.57 -1.94 -3.82
CA GLN A 65 31.19 -2.19 -3.45
C GLN A 65 30.85 -1.80 -2.00
N GLU A 66 29.54 -1.83 -1.68
CA GLU A 66 28.98 -1.71 -0.34
C GLU A 66 28.06 -2.94 -0.14
N SER A 67 27.91 -3.40 1.10
CA SER A 67 27.05 -4.53 1.40
C SER A 67 25.79 -4.04 2.07
N PHE A 68 24.64 -4.59 1.67
CA PHE A 68 23.37 -4.20 2.24
C PHE A 68 22.54 -5.43 2.55
N GLY A 69 21.62 -5.31 3.51
CA GLY A 69 20.65 -6.36 3.77
C GLY A 69 19.70 -6.46 2.59
N GLY A 70 19.46 -7.69 2.15
CA GLY A 70 18.68 -8.01 0.96
C GLY A 70 17.29 -7.44 0.83
N ALA A 71 16.45 -7.66 1.84
CA ALA A 71 15.06 -7.17 1.87
C ALA A 71 15.00 -5.66 1.77
N SER A 72 15.95 -4.97 2.43
CA SER A 72 15.98 -3.51 2.42
C SER A 72 16.28 -2.91 1.06
N CYS A 73 16.87 -3.70 0.14
CA CYS A 73 17.15 -3.25 -1.23
C CYS A 73 16.10 -3.74 -2.23
N CYS A 74 15.00 -4.35 -1.75
CA CYS A 74 14.00 -4.89 -2.64
C CYS A 74 12.76 -4.04 -2.59
N LEU A 75 12.38 -3.42 -3.72
CA LEU A 75 11.19 -2.54 -3.78
C LEU A 75 9.93 -3.25 -3.29
N TYR A 76 9.79 -4.54 -3.63
CA TYR A 76 8.63 -5.34 -3.29
C TYR A 76 8.57 -5.63 -1.81
N CYS A 77 9.72 -5.89 -1.18
CA CYS A 77 9.80 -6.08 0.27
C CYS A 77 9.46 -4.74 0.97
N ARG A 78 10.03 -3.63 0.44
CA ARG A 78 9.85 -2.29 1.03
C ARG A 78 8.42 -1.81 1.00
N CYS A 79 7.70 -2.13 -0.08
CA CYS A 79 6.31 -1.70 -0.21
C CYS A 79 5.31 -2.73 0.32
N HIS A 80 5.78 -3.95 0.66
CA HIS A 80 4.95 -5.04 1.16
C HIS A 80 3.93 -5.48 0.10
N ILE A 81 4.40 -5.58 -1.15
CA ILE A 81 3.56 -5.96 -2.29
C ILE A 81 4.05 -7.28 -2.93
N ASP A 82 3.28 -7.83 -3.89
CA ASP A 82 3.62 -9.05 -4.61
C ASP A 82 4.95 -8.94 -5.33
N HIS A 83 5.70 -10.05 -5.33
CA HIS A 83 6.97 -10.14 -6.05
C HIS A 83 6.63 -10.68 -7.45
N PRO A 84 7.28 -10.15 -8.50
CA PRO A 84 6.96 -10.59 -9.87
C PRO A 84 7.40 -12.02 -10.26
N ASN A 85 7.89 -12.80 -9.30
CA ASN A 85 8.26 -14.19 -9.53
C ASN A 85 6.99 -15.05 -9.77
N PRO A 86 7.10 -16.27 -10.38
CA PRO A 86 5.90 -17.09 -10.55
C PRO A 86 5.37 -17.57 -9.18
N LYS A 87 6.28 -18.06 -8.31
CA LYS A 87 5.88 -18.48 -6.96
C LYS A 87 5.74 -17.34 -5.93
N GLY A 88 6.03 -16.11 -6.34
CA GLY A 88 5.91 -14.94 -5.48
C GLY A 88 6.93 -14.82 -4.35
N PHE A 89 8.02 -15.59 -4.40
CA PHE A 89 9.06 -15.51 -3.35
C PHE A 89 10.21 -14.55 -3.74
N CYS A 90 10.95 -14.04 -2.75
CA CYS A 90 12.01 -13.07 -2.97
C CYS A 90 13.40 -13.70 -3.09
N ASP A 91 14.21 -13.20 -4.03
CA ASP A 91 15.58 -13.66 -4.19
C ASP A 91 16.58 -12.81 -3.37
N LEU A 92 16.13 -11.72 -2.72
CA LEU A 92 17.03 -10.86 -1.96
C LEU A 92 16.85 -11.04 -0.45
N LYS A 93 15.61 -11.13 0.03
CA LYS A 93 15.34 -11.31 1.46
C LYS A 93 16.02 -12.60 1.99
N GLY A 94 16.75 -12.47 3.09
CA GLY A 94 17.50 -13.59 3.68
C GLY A 94 18.94 -13.68 3.19
N LYS A 95 19.33 -12.73 2.32
CA LYS A 95 20.68 -12.65 1.78
C LYS A 95 21.22 -11.23 1.92
N TYR A 96 22.53 -11.06 1.67
CA TYR A 96 23.18 -9.77 1.57
C TYR A 96 23.37 -9.47 0.11
N VAL A 97 23.26 -8.20 -0.25
CA VAL A 97 23.42 -7.81 -1.64
C VAL A 97 24.56 -6.78 -1.75
N GLN A 98 25.48 -7.02 -2.70
CA GLN A 98 26.64 -6.17 -2.94
C GLN A 98 26.28 -5.20 -4.04
N ILE A 99 26.47 -3.89 -3.78
CA ILE A 99 26.11 -2.84 -4.71
C ILE A 99 27.34 -2.02 -4.99
N PRO A 100 27.64 -1.72 -6.28
CA PRO A 100 28.76 -0.81 -6.60
C PRO A 100 28.63 0.50 -5.83
N THR A 101 29.75 1.03 -5.30
N THR A 101 29.75 1.03 -5.30
CA THR A 101 29.71 2.27 -4.53
CA THR A 101 29.76 2.26 -4.49
C THR A 101 29.14 3.44 -5.29
C THR A 101 29.25 3.48 -5.27
N THR A 102 29.32 3.46 -6.61
CA THR A 102 28.80 4.55 -7.43
C THR A 102 27.26 4.53 -7.57
N CYS A 103 26.62 3.40 -7.21
CA CYS A 103 25.17 3.25 -7.23
C CYS A 103 24.57 3.08 -5.80
N ALA A 104 25.41 3.17 -4.73
CA ALA A 104 25.00 2.96 -3.34
C ALA A 104 24.05 4.02 -2.76
N ASN A 105 23.89 5.18 -3.44
CA ASN A 105 22.91 6.18 -3.02
C ASN A 105 21.45 5.69 -3.34
N ASP A 106 21.31 4.74 -4.27
CA ASP A 106 19.99 4.21 -4.61
C ASP A 106 20.03 2.68 -4.75
N PRO A 107 20.22 1.93 -3.65
CA PRO A 107 20.29 0.46 -3.79
C PRO A 107 19.00 -0.21 -4.28
N VAL A 108 17.84 0.38 -4.00
CA VAL A 108 16.57 -0.19 -4.48
C VAL A 108 16.46 -0.07 -5.99
N GLY A 109 16.84 1.09 -6.51
CA GLY A 109 16.84 1.36 -7.95
C GLY A 109 17.85 0.49 -8.68
N PHE A 110 19.01 0.25 -8.04
CA PHE A 110 20.04 -0.58 -8.64
C PHE A 110 19.54 -2.01 -8.86
N THR A 111 18.98 -2.65 -7.82
CA THR A 111 18.51 -4.03 -7.98
C THR A 111 17.36 -4.15 -8.97
N LEU A 112 16.55 -3.08 -9.13
CA LEU A 112 15.43 -3.07 -10.08
C LEU A 112 15.93 -3.12 -11.52
N LYS A 113 16.95 -2.32 -11.83
CA LYS A 113 17.48 -2.17 -13.17
C LYS A 113 18.56 -3.16 -13.56
N ASN A 114 19.14 -3.89 -12.60
CA ASN A 114 20.28 -4.74 -12.92
C ASN A 114 20.02 -6.26 -12.80
N THR A 115 20.89 -7.04 -13.44
CA THR A 115 20.80 -8.50 -13.55
C THR A 115 22.07 -9.21 -13.07
N VAL A 116 21.91 -10.32 -12.35
CA VAL A 116 23.04 -11.12 -11.88
C VAL A 116 23.35 -12.19 -12.92
N CYS A 117 24.62 -12.31 -13.31
CA CYS A 117 25.06 -13.36 -14.24
C CYS A 117 24.94 -14.70 -13.49
N THR A 118 24.23 -15.68 -14.07
CA THR A 118 24.06 -16.97 -13.42
C THR A 118 25.34 -17.82 -13.40
N VAL A 119 26.31 -17.52 -14.28
CA VAL A 119 27.54 -18.29 -14.39
C VAL A 119 28.61 -17.87 -13.37
N CYS A 120 28.92 -16.57 -13.30
CA CYS A 120 29.95 -16.09 -12.38
C CYS A 120 29.39 -15.50 -11.07
N GLY A 121 28.09 -15.23 -11.01
CA GLY A 121 27.47 -14.68 -9.81
C GLY A 121 27.68 -13.20 -9.56
N MET A 122 28.20 -12.47 -10.56
CA MET A 122 28.43 -11.02 -10.46
C MET A 122 27.39 -10.21 -11.26
N TRP A 123 27.24 -8.90 -10.96
CA TRP A 123 26.29 -8.05 -11.69
C TRP A 123 26.76 -7.84 -13.13
N LYS A 124 25.84 -7.91 -14.11
CA LYS A 124 26.16 -7.69 -15.52
C LYS A 124 26.56 -6.22 -15.67
N GLY A 125 27.71 -5.97 -16.29
CA GLY A 125 28.21 -4.62 -16.48
C GLY A 125 28.90 -4.01 -15.26
N TYR A 126 28.95 -4.76 -14.13
CA TYR A 126 29.56 -4.31 -12.87
C TYR A 126 30.35 -5.45 -12.18
N GLY A 127 31.18 -6.15 -12.96
CA GLY A 127 31.98 -7.24 -12.43
C GLY A 127 31.90 -8.56 -13.18
N CYS A 128 30.84 -8.78 -13.99
CA CYS A 128 30.71 -10.04 -14.74
C CYS A 128 31.90 -10.27 -15.67
N SER A 129 32.55 -11.43 -15.53
CA SER A 129 33.71 -11.78 -16.32
C SER A 129 33.39 -12.73 -17.50
N CYS A 130 32.10 -12.97 -17.80
CA CYS A 130 31.73 -13.87 -18.89
C CYS A 130 31.89 -13.26 -20.28
N ASP A 131 31.30 -12.09 -20.53
CA ASP A 131 31.42 -11.44 -21.84
C ASP A 131 31.32 -9.93 -21.73
N ASN B 4 12.60 10.86 14.06
CA ASN B 4 11.39 11.03 13.25
C ASN B 4 11.00 9.74 12.55
N VAL B 5 9.84 9.19 12.93
CA VAL B 5 9.31 7.95 12.37
C VAL B 5 7.87 8.18 11.86
N THR B 6 7.35 7.24 11.06
CA THR B 6 5.97 7.30 10.62
C THR B 6 5.21 6.03 11.06
N GLY B 7 3.89 6.14 11.12
CA GLY B 7 3.05 4.98 11.39
C GLY B 7 2.85 4.10 10.17
N LEU B 8 3.21 4.59 8.96
CA LEU B 8 3.07 3.80 7.74
C LEU B 8 4.00 2.59 7.80
N PHE B 9 3.44 1.40 7.59
CA PHE B 9 4.18 0.14 7.64
C PHE B 9 4.69 -0.19 9.05
N LYS B 10 3.95 0.24 10.07
CA LYS B 10 4.32 -0.06 11.45
C LYS B 10 4.21 -1.58 11.65
N ASP B 11 5.20 -2.16 12.28
CA ASP B 11 5.21 -3.60 12.56
C ASP B 11 4.29 -3.81 13.77
N CYS B 12 3.19 -4.50 13.56
CA CYS B 12 2.21 -4.74 14.63
C CYS B 12 2.34 -6.07 15.33
N SER B 13 3.42 -6.82 15.10
CA SER B 13 3.61 -8.10 15.78
C SER B 13 3.95 -7.90 17.26
N LYS B 14 3.83 -8.96 18.04
CA LYS B 14 4.18 -8.91 19.47
C LYS B 14 5.57 -9.52 19.74
N VAL B 15 6.41 -9.73 18.69
CA VAL B 15 7.76 -10.26 18.83
C VAL B 15 8.62 -9.22 19.56
N ILE B 16 9.31 -9.64 20.62
CA ILE B 16 10.09 -8.81 21.53
C ILE B 16 11.42 -8.27 20.95
N THR B 17 11.80 -8.75 19.76
CA THR B 17 13.03 -8.33 19.12
C THR B 17 12.79 -7.84 17.68
N GLY B 18 13.77 -7.13 17.13
CA GLY B 18 13.77 -6.71 15.75
C GLY B 18 14.19 -7.86 14.84
N LEU B 19 14.46 -7.53 13.58
CA LEU B 19 14.84 -8.54 12.60
C LEU B 19 16.34 -8.67 12.35
N HIS B 20 16.74 -9.78 11.71
CA HIS B 20 18.08 -10.05 11.27
C HIS B 20 18.39 -9.07 10.11
N PRO B 21 19.64 -8.58 9.95
CA PRO B 21 19.93 -7.64 8.85
C PRO B 21 19.48 -8.07 7.44
N THR B 22 19.52 -9.38 7.11
CA THR B 22 19.08 -9.83 5.78
C THR B 22 17.56 -9.82 5.60
N GLN B 23 16.80 -9.87 6.70
CA GLN B 23 15.34 -9.97 6.64
C GLN B 23 14.58 -8.70 7.00
N ALA B 24 15.24 -7.77 7.65
CA ALA B 24 14.61 -6.50 8.04
C ALA B 24 14.35 -5.65 6.80
N PRO B 25 13.14 -5.11 6.61
CA PRO B 25 12.91 -4.22 5.45
C PRO B 25 13.66 -2.88 5.57
N THR B 26 13.98 -2.42 6.79
CA THR B 26 14.61 -1.12 7.01
C THR B 26 15.67 -1.16 8.12
N HIS B 27 16.53 -0.12 8.22
CA HIS B 27 17.51 -0.03 9.30
C HIS B 27 16.79 0.05 10.64
N LEU B 28 15.67 0.81 10.74
CA LEU B 28 14.90 0.90 11.98
C LEU B 28 14.44 -0.47 12.49
N SER B 29 14.02 -1.36 11.58
CA SER B 29 13.51 -2.67 11.99
C SER B 29 14.59 -3.70 12.33
N VAL B 30 15.88 -3.45 12.02
CA VAL B 30 16.96 -4.38 12.42
C VAL B 30 17.04 -4.39 13.96
N ASP B 31 17.18 -5.56 14.59
CA ASP B 31 17.33 -5.65 16.04
C ASP B 31 18.55 -4.83 16.55
N THR B 32 18.46 -4.29 17.78
N THR B 32 18.47 -4.30 17.80
CA THR B 32 19.52 -3.48 18.39
CA THR B 32 19.52 -3.50 18.45
C THR B 32 20.86 -4.21 18.45
C THR B 32 20.86 -4.21 18.50
N LYS B 33 20.86 -5.54 18.68
CA LYS B 33 22.10 -6.31 18.80
C LYS B 33 23.03 -6.24 17.56
N PHE B 34 22.49 -5.92 16.38
CA PHE B 34 23.31 -5.80 15.18
C PHE B 34 23.77 -4.36 14.92
N LYS B 35 23.32 -3.37 15.70
CA LYS B 35 23.65 -1.98 15.44
C LYS B 35 24.92 -1.51 16.11
N THR B 36 25.85 -0.96 15.33
CA THR B 36 27.09 -0.42 15.87
C THR B 36 27.70 0.54 14.87
N GLU B 37 28.41 1.54 15.39
CA GLU B 37 29.17 2.52 14.63
C GLU B 37 28.39 3.12 13.46
N GLY B 38 27.17 3.52 13.75
CA GLY B 38 26.26 4.15 12.80
C GLY B 38 25.55 3.22 11.83
N LEU B 39 26.00 1.95 11.69
CA LEU B 39 25.41 1.03 10.72
C LEU B 39 25.03 -0.34 11.33
N CYS B 40 25.06 -1.44 10.54
CA CYS B 40 24.71 -2.77 11.03
C CYS B 40 25.86 -3.73 10.77
N VAL B 41 25.98 -4.76 11.60
CA VAL B 41 27.01 -5.79 11.40
C VAL B 41 26.38 -7.16 11.35
N ASP B 42 26.98 -8.04 10.57
CA ASP B 42 26.56 -9.43 10.53
C ASP B 42 27.33 -10.08 11.70
N ILE B 43 26.64 -10.84 12.54
CA ILE B 43 27.29 -11.49 13.67
C ILE B 43 27.37 -12.98 13.42
N PRO B 44 28.59 -13.52 13.25
CA PRO B 44 28.72 -14.98 13.04
C PRO B 44 28.07 -15.76 14.18
N GLY B 45 27.23 -16.75 13.86
CA GLY B 45 26.54 -17.51 14.89
C GLY B 45 25.13 -17.04 15.20
N ILE B 46 24.75 -15.81 14.75
CA ILE B 46 23.40 -15.29 14.99
C ILE B 46 22.60 -15.48 13.72
N PRO B 47 21.68 -16.46 13.72
CA PRO B 47 20.98 -16.80 12.48
C PRO B 47 19.72 -15.99 12.15
N LYS B 48 19.25 -16.13 10.91
CA LYS B 48 18.01 -15.54 10.45
C LYS B 48 16.84 -16.29 11.13
N ASP B 49 15.67 -15.63 11.25
CA ASP B 49 14.45 -16.24 11.79
C ASP B 49 13.71 -16.81 10.58
N MET B 50 13.44 -18.14 10.55
CA MET B 50 12.77 -18.71 9.39
C MET B 50 11.29 -19.06 9.57
N THR B 51 10.62 -18.60 10.65
CA THR B 51 9.20 -18.92 10.82
C THR B 51 8.31 -17.73 11.24
N TYR B 52 8.80 -16.49 11.10
CA TYR B 52 8.02 -15.35 11.58
C TYR B 52 6.83 -14.97 10.69
N ARG B 53 5.82 -14.32 11.32
CA ARG B 53 4.63 -13.77 10.66
C ARG B 53 4.40 -12.41 11.32
N ARG B 54 4.83 -11.33 10.66
CA ARG B 54 4.72 -9.99 11.20
C ARG B 54 3.67 -9.13 10.46
N LEU B 55 2.55 -8.80 11.13
CA LEU B 55 1.51 -7.97 10.51
C LEU B 55 2.03 -6.55 10.28
N ILE B 56 1.91 -6.04 9.06
CA ILE B 56 2.40 -4.70 8.72
C ILE B 56 1.19 -3.79 8.52
N SER B 57 1.16 -2.67 9.24
CA SER B 57 0.07 -1.71 9.17
C SER B 57 0.02 -0.95 7.84
N MET B 58 -1.18 -0.84 7.26
CA MET B 58 -1.39 -0.06 6.05
C MET B 58 -2.03 1.30 6.39
N MET B 59 -1.89 1.80 7.63
CA MET B 59 -2.41 3.11 7.99
C MET B 59 -1.33 4.18 7.78
N GLY B 60 -1.67 5.27 7.12
CA GLY B 60 -0.74 6.37 6.96
C GLY B 60 -0.26 6.65 5.55
N PHE B 61 -1.04 6.26 4.53
CA PHE B 61 -0.65 6.51 3.15
C PHE B 61 -0.63 8.01 2.85
N LYS B 62 0.28 8.44 2.00
CA LYS B 62 0.40 9.86 1.63
C LYS B 62 0.42 9.91 0.13
N MET B 63 -0.69 10.30 -0.51
CA MET B 63 -0.77 10.34 -1.95
C MET B 63 -0.49 11.75 -2.46
N ASN B 64 0.59 12.36 -1.98
CA ASN B 64 0.95 13.74 -2.34
C ASN B 64 2.11 13.82 -3.35
N TYR B 65 2.28 12.81 -4.19
CA TYR B 65 3.32 12.81 -5.21
C TYR B 65 2.93 13.68 -6.41
N GLN B 66 3.94 14.06 -7.23
CA GLN B 66 3.78 14.82 -8.47
C GLN B 66 4.71 14.15 -9.42
N VAL B 67 4.16 13.23 -10.21
CA VAL B 67 4.93 12.41 -11.15
C VAL B 67 4.28 12.61 -12.50
N ASN B 68 5.07 12.99 -13.50
CA ASN B 68 4.57 13.26 -14.83
C ASN B 68 3.79 12.11 -15.45
N GLY B 69 2.57 12.41 -15.90
CA GLY B 69 1.73 11.42 -16.53
C GLY B 69 0.87 10.59 -15.58
N TYR B 70 0.99 10.80 -14.27
CA TYR B 70 0.14 10.09 -13.31
C TYR B 70 -0.82 11.13 -12.72
N PRO B 71 -2.14 10.90 -12.79
CA PRO B 71 -3.07 11.90 -12.25
C PRO B 71 -3.09 12.02 -10.72
N ASN B 72 -3.62 13.13 -10.21
CA ASN B 72 -3.78 13.30 -8.77
C ASN B 72 -5.02 12.51 -8.34
N MET B 73 -4.96 11.77 -7.22
CA MET B 73 -6.12 11.06 -6.71
C MET B 73 -7.06 12.07 -6.04
N PHE B 74 -6.52 12.88 -5.12
CA PHE B 74 -7.28 13.91 -4.42
C PHE B 74 -7.42 15.12 -5.31
N ILE B 75 -8.65 15.58 -5.51
CA ILE B 75 -8.92 16.72 -6.38
C ILE B 75 -9.50 17.89 -5.59
N THR B 76 -9.50 19.09 -6.19
CA THR B 76 -10.04 20.27 -5.54
C THR B 76 -11.58 20.24 -5.57
N ARG B 77 -12.20 21.07 -4.71
CA ARG B 77 -13.64 21.21 -4.63
C ARG B 77 -14.23 21.62 -6.00
N GLU B 78 -13.55 22.50 -6.73
CA GLU B 78 -14.00 22.95 -8.04
C GLU B 78 -14.02 21.82 -9.06
N GLU B 79 -12.95 21.00 -9.12
CA GLU B 79 -12.93 19.85 -10.02
C GLU B 79 -14.01 18.85 -9.63
N ALA B 80 -14.16 18.59 -8.32
CA ALA B 80 -15.19 17.67 -7.81
C ALA B 80 -16.59 18.11 -8.25
N ILE B 81 -16.89 19.42 -8.17
CA ILE B 81 -18.19 19.96 -8.55
C ILE B 81 -18.51 19.68 -10.02
N ARG B 82 -17.52 19.83 -10.92
CA ARG B 82 -17.71 19.56 -12.35
C ARG B 82 -18.07 18.08 -12.62
N HIS B 83 -17.61 17.18 -11.75
CA HIS B 83 -17.84 15.75 -11.88
C HIS B 83 -18.81 15.20 -10.83
N VAL B 84 -19.82 15.99 -10.44
CA VAL B 84 -20.83 15.56 -9.47
C VAL B 84 -21.53 14.24 -9.87
N ARG B 85 -21.71 13.96 -11.18
CA ARG B 85 -22.33 12.70 -11.60
C ARG B 85 -21.45 11.46 -11.27
N ALA B 86 -20.13 11.67 -11.06
CA ALA B 86 -19.21 10.60 -10.68
C ALA B 86 -19.13 10.38 -9.16
N TRP B 87 -19.84 11.22 -8.35
CA TRP B 87 -19.77 11.15 -6.90
C TRP B 87 -20.37 9.91 -6.28
N ILE B 88 -19.56 9.21 -5.50
CA ILE B 88 -19.98 8.02 -4.78
C ILE B 88 -19.44 8.20 -3.37
N GLY B 89 -20.30 8.39 -2.39
CA GLY B 89 -19.91 8.48 -0.99
C GLY B 89 -19.34 7.14 -0.55
N PHE B 90 -18.29 7.17 0.25
CA PHE B 90 -17.60 5.95 0.65
C PHE B 90 -17.21 6.04 2.09
N ASP B 91 -17.55 4.99 2.84
CA ASP B 91 -17.21 4.90 4.26
C ASP B 91 -16.86 3.46 4.61
N VAL B 92 -15.89 3.26 5.53
CA VAL B 92 -15.52 1.92 5.96
C VAL B 92 -15.55 1.78 7.47
N GLU B 93 -16.15 0.71 7.97
CA GLU B 93 -16.10 0.41 9.40
C GLU B 93 -15.03 -0.68 9.56
N GLY B 94 -14.08 -0.47 10.46
CA GLY B 94 -13.01 -1.42 10.66
C GLY B 94 -13.16 -2.32 11.88
N CYS B 95 -12.32 -3.36 11.93
CA CYS B 95 -12.15 -4.26 13.07
C CYS B 95 -10.64 -4.19 13.47
N HIS B 96 -10.32 -4.48 14.73
CA HIS B 96 -8.95 -4.36 15.23
C HIS B 96 -8.17 -5.64 15.21
N ALA B 97 -6.86 -5.55 14.88
CA ALA B 97 -5.98 -6.73 14.92
C ALA B 97 -5.86 -7.18 16.38
N THR B 98 -5.88 -8.50 16.60
CA THR B 98 -5.77 -9.05 17.94
CA THR B 98 -5.80 -9.08 17.94
C THR B 98 -4.89 -10.33 17.95
N ARG B 99 -4.60 -10.89 19.15
CA ARG B 99 -3.85 -12.13 19.39
C ARG B 99 -2.39 -12.05 18.89
N GLU B 100 -2.09 -12.50 17.67
CA GLU B 100 -0.73 -12.49 17.15
C GLU B 100 -0.22 -11.09 16.75
N ALA B 101 -1.10 -10.07 16.78
CA ALA B 101 -0.76 -8.70 16.41
C ALA B 101 -1.66 -7.68 17.11
N VAL B 102 -1.22 -6.41 17.23
CA VAL B 102 -2.00 -5.34 17.84
C VAL B 102 -1.49 -3.99 17.32
N GLY B 103 -2.39 -3.07 17.00
CA GLY B 103 -2.00 -1.74 16.56
C GLY B 103 -2.49 -1.26 15.21
N THR B 104 -3.43 -1.99 14.58
CA THR B 104 -3.92 -1.58 13.27
C THR B 104 -5.38 -2.00 13.06
N ASN B 105 -6.04 -1.27 12.16
CA ASN B 105 -7.45 -1.42 11.79
C ASN B 105 -7.50 -2.15 10.44
N LEU B 106 -8.43 -3.08 10.29
CA LEU B 106 -8.62 -3.81 9.05
C LEU B 106 -10.05 -3.55 8.55
N PRO B 107 -10.25 -3.37 7.23
CA PRO B 107 -11.62 -3.11 6.74
C PRO B 107 -12.56 -4.29 7.04
N LEU B 108 -13.77 -3.98 7.46
CA LEU B 108 -14.76 -5.01 7.79
C LEU B 108 -16.00 -4.75 6.96
N GLN B 109 -16.61 -3.56 7.10
CA GLN B 109 -17.82 -3.24 6.35
C GLN B 109 -17.57 -2.06 5.44
N LEU B 110 -17.69 -2.25 4.14
CA LEU B 110 -17.48 -1.18 3.16
C LEU B 110 -18.83 -0.68 2.64
N GLY B 111 -19.14 0.58 2.91
CA GLY B 111 -20.41 1.18 2.56
C GLY B 111 -20.28 2.22 1.48
N PHE B 112 -21.28 2.28 0.59
CA PHE B 112 -21.31 3.21 -0.54
C PHE B 112 -22.64 3.97 -0.57
N SER B 113 -22.66 5.16 -1.18
CA SER B 113 -23.88 5.96 -1.26
C SER B 113 -24.96 5.32 -2.15
N THR B 114 -24.64 4.20 -2.81
CA THR B 114 -25.62 3.44 -3.58
C THR B 114 -26.53 2.59 -2.65
N GLY B 115 -26.27 2.57 -1.34
CA GLY B 115 -26.99 1.74 -0.40
C GLY B 115 -26.33 0.38 -0.19
N VAL B 116 -25.23 0.09 -0.91
CA VAL B 116 -24.54 -1.18 -0.80
C VAL B 116 -23.55 -1.22 0.37
N ASN B 117 -23.58 -2.34 1.12
CA ASN B 117 -22.63 -2.68 2.18
C ASN B 117 -22.03 -4.02 1.79
N LEU B 118 -20.71 -4.09 1.78
CA LEU B 118 -19.99 -5.33 1.47
C LEU B 118 -19.17 -5.69 2.70
N VAL B 119 -19.20 -6.95 3.11
CA VAL B 119 -18.47 -7.40 4.29
C VAL B 119 -17.27 -8.22 3.87
N ALA B 120 -16.10 -7.85 4.37
CA ALA B 120 -14.88 -8.56 4.03
C ALA B 120 -14.40 -9.39 5.19
N VAL B 121 -13.66 -10.47 4.89
CA VAL B 121 -12.97 -11.26 5.91
C VAL B 121 -11.83 -10.35 6.46
N PRO B 122 -11.59 -10.28 7.78
CA PRO B 122 -10.48 -9.45 8.29
C PRO B 122 -9.15 -9.92 7.70
N THR B 123 -8.54 -9.11 6.83
CA THR B 123 -7.35 -9.48 6.06
C THR B 123 -6.28 -8.41 6.19
N GLY B 124 -5.05 -8.86 6.31
CA GLY B 124 -3.91 -7.97 6.46
C GLY B 124 -2.69 -8.43 5.68
N TYR B 125 -1.66 -7.61 5.71
CA TYR B 125 -0.41 -7.83 5.02
C TYR B 125 0.60 -8.36 6.04
N VAL B 126 0.95 -9.63 5.92
CA VAL B 126 1.83 -10.28 6.88
C VAL B 126 3.22 -10.55 6.31
N ASP B 127 4.24 -9.86 6.81
CA ASP B 127 5.61 -10.09 6.37
C ASP B 127 6.09 -11.45 6.88
N THR B 128 6.73 -12.23 5.98
CA THR B 128 7.29 -13.55 6.29
C THR B 128 8.77 -13.58 5.85
N PRO B 129 9.51 -14.68 6.12
CA PRO B 129 10.90 -14.76 5.64
C PRO B 129 11.04 -14.77 4.12
N ASN B 130 9.95 -15.02 3.38
CA ASN B 130 9.97 -15.16 1.94
C ASN B 130 9.24 -14.08 1.13
N ASN B 131 8.21 -13.45 1.71
CA ASN B 131 7.39 -12.50 0.96
C ASN B 131 6.40 -11.74 1.90
N THR B 132 5.40 -11.04 1.35
CA THR B 132 4.33 -10.49 2.15
C THR B 132 3.13 -11.38 1.82
N ASP B 133 2.55 -11.99 2.83
CA ASP B 133 1.40 -12.84 2.69
C ASP B 133 0.12 -12.03 2.98
N PHE B 134 -0.71 -11.78 1.96
CA PHE B 134 -1.96 -11.06 2.12
C PHE B 134 -2.91 -12.13 2.60
N SER B 135 -3.27 -12.10 3.89
CA SER B 135 -4.06 -13.20 4.44
C SER B 135 -5.01 -12.80 5.56
N ARG B 136 -5.96 -13.70 5.87
CA ARG B 136 -6.87 -13.57 6.99
C ARG B 136 -6.04 -13.45 8.29
N VAL B 137 -6.41 -12.53 9.17
CA VAL B 137 -5.71 -12.34 10.43
C VAL B 137 -6.74 -12.31 11.56
N SER B 138 -6.28 -12.58 12.80
CA SER B 138 -7.18 -12.54 13.97
C SER B 138 -7.62 -11.10 14.17
N ALA B 139 -8.90 -10.91 14.43
CA ALA B 139 -9.47 -9.58 14.58
C ALA B 139 -10.72 -9.60 15.45
N LYS B 140 -11.05 -8.46 16.05
CA LYS B 140 -12.27 -8.32 16.83
C LYS B 140 -12.83 -6.91 16.62
N PRO B 141 -14.17 -6.74 16.62
CA PRO B 141 -14.72 -5.38 16.48
C PRO B 141 -14.34 -4.51 17.69
N PRO B 142 -14.30 -3.17 17.53
CA PRO B 142 -13.95 -2.32 18.68
C PRO B 142 -15.00 -2.43 19.79
N PRO B 143 -14.60 -2.30 21.06
CA PRO B 143 -15.59 -2.40 22.15
C PRO B 143 -16.46 -1.14 22.26
N GLY B 144 -17.69 -1.31 22.75
CA GLY B 144 -18.61 -0.20 22.88
C GLY B 144 -19.94 -0.48 22.22
N ASP B 145 -21.02 0.02 22.83
CA ASP B 145 -22.39 -0.16 22.32
C ASP B 145 -22.60 0.41 20.92
N GLN B 146 -21.80 1.40 20.53
CA GLN B 146 -21.91 1.98 19.19
C GLN B 146 -21.39 1.02 18.11
N PHE B 147 -20.48 0.09 18.45
CA PHE B 147 -19.93 -0.88 17.49
C PHE B 147 -20.47 -2.31 17.66
N LYS B 148 -21.57 -2.48 18.43
CA LYS B 148 -22.22 -3.78 18.69
C LYS B 148 -22.71 -4.45 17.43
N HIS B 149 -23.17 -3.66 16.47
CA HIS B 149 -23.68 -4.16 15.20
C HIS B 149 -22.61 -4.89 14.33
N LEU B 150 -21.32 -4.62 14.58
CA LEU B 150 -20.22 -5.23 13.83
C LEU B 150 -19.89 -6.67 14.26
N ILE B 151 -20.40 -7.12 15.43
CA ILE B 151 -20.12 -8.47 15.96
C ILE B 151 -20.58 -9.60 14.99
N PRO B 152 -21.83 -9.63 14.47
CA PRO B 152 -22.20 -10.72 13.53
C PRO B 152 -21.45 -10.66 12.19
N LEU B 153 -20.93 -9.48 11.84
CA LEU B 153 -20.18 -9.33 10.59
C LEU B 153 -18.82 -10.04 10.62
N MET B 154 -18.29 -10.36 11.81
CA MET B 154 -17.02 -11.07 11.96
C MET B 154 -17.01 -12.47 11.33
N TYR B 155 -18.19 -13.08 11.09
CA TYR B 155 -18.27 -14.38 10.44
C TYR B 155 -19.15 -14.37 9.17
N LYS B 156 -19.45 -13.18 8.62
CA LYS B 156 -20.24 -13.05 7.39
C LYS B 156 -19.41 -12.48 6.20
N GLY B 157 -18.09 -12.36 6.38
CA GLY B 157 -17.21 -11.77 5.38
C GLY B 157 -16.93 -12.64 4.18
N LEU B 158 -16.64 -11.98 3.06
CA LEU B 158 -16.27 -12.65 1.84
C LEU B 158 -14.76 -12.44 1.63
N PRO B 159 -14.06 -13.38 0.96
CA PRO B 159 -12.63 -13.16 0.67
C PRO B 159 -12.42 -11.90 -0.16
N TRP B 160 -11.31 -11.18 0.05
CA TRP B 160 -11.08 -9.92 -0.66
C TRP B 160 -11.09 -10.08 -2.18
N ASN B 161 -10.69 -11.24 -2.72
CA ASN B 161 -10.74 -11.44 -4.18
C ASN B 161 -12.18 -11.38 -4.72
N VAL B 162 -13.17 -11.74 -3.89
CA VAL B 162 -14.58 -11.66 -4.25
C VAL B 162 -15.10 -10.23 -4.01
N VAL B 163 -14.69 -9.60 -2.89
CA VAL B 163 -15.17 -8.27 -2.55
C VAL B 163 -14.80 -7.22 -3.61
N ARG B 164 -13.54 -7.25 -4.09
CA ARG B 164 -13.09 -6.25 -5.07
C ARG B 164 -13.80 -6.42 -6.42
N ILE B 165 -14.12 -7.64 -6.83
CA ILE B 165 -14.88 -7.87 -8.06
C ILE B 165 -16.27 -7.21 -7.94
N LYS B 166 -16.95 -7.42 -6.79
CA LYS B 166 -18.24 -6.83 -6.47
C LYS B 166 -18.18 -5.31 -6.44
N ILE B 167 -17.08 -4.71 -5.92
CA ILE B 167 -16.94 -3.25 -5.90
C ILE B 167 -16.88 -2.74 -7.34
N VAL B 168 -16.05 -3.38 -8.19
CA VAL B 168 -15.94 -2.97 -9.59
C VAL B 168 -17.28 -3.11 -10.33
N GLN B 169 -18.00 -4.20 -10.07
CA GLN B 169 -19.28 -4.45 -10.73
C GLN B 169 -20.31 -3.38 -10.31
N MET B 170 -20.36 -3.07 -9.02
CA MET B 170 -21.28 -2.07 -8.52
C MET B 170 -20.95 -0.66 -9.07
N LEU B 171 -19.67 -0.23 -9.03
CA LEU B 171 -19.29 1.08 -9.58
C LEU B 171 -19.60 1.16 -11.08
N SER B 172 -19.31 0.07 -11.83
CA SER B 172 -19.58 0.00 -13.27
C SER B 172 -21.07 0.14 -13.61
N ASP B 173 -21.94 -0.59 -12.91
CA ASP B 173 -23.38 -0.51 -13.10
C ASP B 173 -23.93 0.87 -12.76
N THR B 174 -23.44 1.46 -11.69
CA THR B 174 -23.89 2.79 -11.26
C THR B 174 -23.39 3.92 -12.18
N LEU B 175 -22.13 3.88 -12.61
CA LEU B 175 -21.54 5.00 -13.33
C LEU B 175 -21.39 4.95 -14.84
N LYS B 176 -21.56 3.79 -15.51
CA LYS B 176 -21.33 3.68 -16.95
C LYS B 176 -22.09 4.72 -17.81
N ASN B 177 -23.33 5.07 -17.46
CA ASN B 177 -24.05 6.09 -18.25
C ASN B 177 -24.10 7.46 -17.53
N LEU B 178 -23.27 7.67 -16.51
CA LEU B 178 -23.22 8.93 -15.77
C LEU B 178 -21.90 9.63 -15.93
N SER B 179 -20.79 8.87 -15.95
CA SER B 179 -19.48 9.51 -15.97
C SER B 179 -18.38 8.60 -16.52
N ASP B 180 -17.27 9.22 -16.95
CA ASP B 180 -16.09 8.48 -17.40
C ASP B 180 -15.10 8.18 -16.21
N ARG B 181 -15.49 8.50 -14.98
CA ARG B 181 -14.64 8.32 -13.82
C ARG B 181 -15.47 8.07 -12.54
N VAL B 182 -14.77 7.90 -11.40
CA VAL B 182 -15.39 7.83 -10.09
C VAL B 182 -14.70 8.87 -9.20
N VAL B 183 -15.50 9.61 -8.41
CA VAL B 183 -15.02 10.54 -7.41
C VAL B 183 -15.55 10.02 -6.07
N PHE B 184 -14.71 9.41 -5.23
CA PHE B 184 -15.13 8.94 -3.92
C PHE B 184 -15.27 10.16 -3.01
N VAL B 185 -16.44 10.31 -2.42
CA VAL B 185 -16.72 11.44 -1.55
C VAL B 185 -16.49 10.94 -0.13
N LEU B 186 -15.46 11.46 0.53
CA LEU B 186 -15.05 10.96 1.84
C LEU B 186 -15.23 11.97 2.99
N TRP B 187 -15.28 11.48 4.23
CA TRP B 187 -15.31 12.32 5.43
C TRP B 187 -14.22 11.71 6.33
N ALA B 188 -13.11 12.43 6.58
CA ALA B 188 -11.93 11.94 7.35
C ALA B 188 -11.35 10.73 6.62
N HIS B 189 -10.63 10.98 5.52
CA HIS B 189 -10.14 10.01 4.55
C HIS B 189 -9.13 8.93 4.98
N GLY B 190 -8.37 9.12 6.06
CA GLY B 190 -7.37 8.16 6.50
C GLY B 190 -7.66 6.67 6.31
N PHE B 191 -8.68 6.15 7.00
CA PHE B 191 -9.05 4.74 6.91
C PHE B 191 -9.68 4.33 5.56
N GLU B 192 -10.30 5.28 4.85
CA GLU B 192 -10.86 4.98 3.52
C GLU B 192 -9.70 4.78 2.53
N LEU B 193 -8.63 5.58 2.66
CA LEU B 193 -7.46 5.45 1.78
C LEU B 193 -6.71 4.14 2.09
N THR B 194 -6.67 3.73 3.36
CA THR B 194 -6.11 2.44 3.74
C THR B 194 -6.94 1.30 3.10
N SER B 195 -8.27 1.42 3.09
CA SER B 195 -9.14 0.39 2.49
C SER B 195 -8.98 0.31 1.00
N MET B 196 -8.71 1.45 0.33
CA MET B 196 -8.48 1.49 -1.12
C MET B 196 -7.28 0.66 -1.53
N LYS B 197 -6.27 0.51 -0.66
CA LYS B 197 -5.11 -0.35 -0.96
C LYS B 197 -5.55 -1.80 -1.33
N TYR B 198 -6.71 -2.24 -0.80
CA TYR B 198 -7.25 -3.57 -1.02
C TYR B 198 -7.97 -3.74 -2.37
N PHE B 199 -8.33 -2.63 -3.06
CA PHE B 199 -9.12 -2.75 -4.28
C PHE B 199 -8.82 -1.70 -5.36
N VAL B 200 -7.77 -0.87 -5.16
CA VAL B 200 -7.40 0.19 -6.10
C VAL B 200 -5.97 0.04 -6.63
N LYS B 201 -5.78 0.26 -7.94
CA LYS B 201 -4.47 0.35 -8.57
C LYS B 201 -4.38 1.71 -9.27
N ILE B 202 -3.15 2.24 -9.38
CA ILE B 202 -2.90 3.52 -10.04
C ILE B 202 -1.81 3.39 -11.11
N GLY B 203 -1.72 4.38 -11.98
CA GLY B 203 -0.71 4.44 -13.02
C GLY B 203 -0.98 5.59 -13.96
N PRO B 204 -0.31 5.60 -15.11
CA PRO B 204 -0.60 6.62 -16.12
C PRO B 204 -2.04 6.48 -16.63
N GLU B 205 -2.63 7.58 -17.11
CA GLU B 205 -3.97 7.53 -17.71
C GLU B 205 -3.96 6.58 -18.92
N ARG B 206 -4.84 5.58 -18.92
N ARG B 206 -4.84 5.57 -18.92
CA ARG B 206 -4.94 4.58 -19.99
CA ARG B 206 -4.92 4.59 -19.99
C ARG B 206 -6.30 4.69 -20.70
C ARG B 206 -6.29 4.68 -20.71
N THR B 207 -6.46 3.95 -21.81
CA THR B 207 -7.76 3.88 -22.49
C THR B 207 -8.22 2.44 -22.36
N CYS B 208 -9.52 2.22 -22.49
CA CYS B 208 -10.12 0.89 -22.45
C CYS B 208 -9.53 -0.02 -23.55
N CYS B 209 -9.58 -1.33 -23.33
CA CYS B 209 -9.12 -2.32 -24.31
C CYS B 209 -10.12 -2.51 -25.46
N LEU B 210 -11.40 -2.10 -25.28
CA LEU B 210 -12.43 -2.31 -26.29
C LEU B 210 -13.02 -1.00 -26.85
N CYS B 211 -12.52 0.17 -26.42
CA CYS B 211 -13.05 1.45 -26.90
C CYS B 211 -12.12 2.64 -26.62
N ASP B 212 -12.54 3.87 -26.98
CA ASP B 212 -11.73 5.06 -26.78
C ASP B 212 -11.88 5.71 -25.41
N ARG B 213 -12.77 5.19 -24.55
CA ARG B 213 -12.98 5.80 -23.22
C ARG B 213 -11.80 5.60 -22.30
N ARG B 214 -11.60 6.50 -21.33
CA ARG B 214 -10.53 6.34 -20.36
C ARG B 214 -10.77 5.10 -19.50
N ALA B 215 -9.68 4.43 -19.12
CA ALA B 215 -9.75 3.23 -18.30
C ALA B 215 -10.11 3.62 -16.88
N THR B 216 -11.06 2.89 -16.30
CA THR B 216 -11.51 3.06 -14.91
C THR B 216 -11.34 1.74 -14.11
N CYS B 217 -10.97 0.63 -14.78
CA CYS B 217 -10.81 -0.69 -14.18
C CYS B 217 -9.56 -1.39 -14.69
N PHE B 218 -9.02 -2.31 -13.88
CA PHE B 218 -7.85 -3.09 -14.23
C PHE B 218 -8.12 -4.56 -13.88
N SER B 219 -7.61 -5.46 -14.70
CA SER B 219 -7.75 -6.90 -14.48
C SER B 219 -6.39 -7.53 -14.26
N THR B 220 -6.19 -8.21 -13.12
CA THR B 220 -4.94 -8.93 -12.88
C THR B 220 -4.89 -10.27 -13.67
N ALA B 221 -6.00 -10.69 -14.30
CA ALA B 221 -6.07 -11.96 -15.03
C ALA B 221 -5.35 -11.86 -16.38
N SER B 222 -5.52 -10.72 -17.08
CA SER B 222 -4.94 -10.49 -18.39
C SER B 222 -4.03 -9.24 -18.45
N ASP B 223 -3.89 -8.49 -17.34
CA ASP B 223 -3.14 -7.23 -17.30
C ASP B 223 -3.72 -6.24 -18.32
N THR B 224 -5.05 -6.16 -18.36
CA THR B 224 -5.75 -5.27 -19.29
C THR B 224 -6.53 -4.19 -18.53
N TYR B 225 -6.92 -3.13 -19.26
CA TYR B 225 -7.65 -1.99 -18.74
C TYR B 225 -9.02 -1.86 -19.41
N ALA B 226 -10.03 -1.38 -18.66
CA ALA B 226 -11.37 -1.23 -19.20
C ALA B 226 -12.11 -0.03 -18.63
N CYS B 227 -13.09 0.50 -19.39
CA CYS B 227 -13.98 1.55 -18.94
C CYS B 227 -15.14 0.86 -18.15
N TRP B 228 -16.10 1.63 -17.63
CA TRP B 228 -17.23 1.09 -16.86
C TRP B 228 -18.14 0.18 -17.72
N HIS B 229 -18.18 0.39 -19.05
CA HIS B 229 -19.00 -0.41 -19.95
C HIS B 229 -18.40 -1.79 -20.22
N HIS B 230 -17.07 -1.93 -20.18
CA HIS B 230 -16.40 -3.18 -20.55
C HIS B 230 -15.60 -3.87 -19.45
N SER B 231 -15.93 -3.60 -18.20
CA SER B 231 -15.18 -4.11 -17.05
C SER B 231 -15.67 -5.41 -16.43
N ILE B 232 -16.58 -6.16 -17.08
CA ILE B 232 -17.10 -7.38 -16.46
C ILE B 232 -15.96 -8.39 -16.16
N GLY B 233 -15.94 -8.89 -14.93
CA GLY B 233 -14.90 -9.77 -14.45
C GLY B 233 -13.65 -9.06 -13.93
N PHE B 234 -13.55 -7.73 -14.11
CA PHE B 234 -12.37 -6.98 -13.65
C PHE B 234 -12.33 -6.87 -12.12
N ASP B 235 -11.14 -7.02 -11.52
CA ASP B 235 -11.03 -7.03 -10.06
C ASP B 235 -10.54 -5.74 -9.40
N TYR B 236 -9.95 -4.77 -10.13
CA TYR B 236 -9.49 -3.53 -9.48
C TYR B 236 -10.07 -2.25 -10.06
N VAL B 237 -10.25 -1.23 -9.20
CA VAL B 237 -10.63 0.11 -9.60
C VAL B 237 -9.31 0.79 -9.99
N TYR B 238 -9.23 1.34 -11.20
CA TYR B 238 -8.00 1.96 -11.70
C TYR B 238 -8.12 3.48 -11.76
N ASN B 239 -7.14 4.19 -11.20
CA ASN B 239 -7.13 5.65 -11.18
C ASN B 239 -8.45 6.32 -10.72
N PRO B 240 -8.98 5.97 -9.54
CA PRO B 240 -10.14 6.71 -9.04
C PRO B 240 -9.71 8.11 -8.57
N PHE B 241 -10.70 8.99 -8.40
CA PHE B 241 -10.48 10.31 -7.84
C PHE B 241 -11.21 10.35 -6.49
N MET B 242 -10.86 11.29 -5.63
CA MET B 242 -11.48 11.38 -4.31
C MET B 242 -11.32 12.77 -3.71
N ILE B 243 -12.16 13.09 -2.72
CA ILE B 243 -12.15 14.37 -2.03
C ILE B 243 -12.58 14.18 -0.59
N ASP B 244 -11.93 14.89 0.34
CA ASP B 244 -12.26 14.81 1.75
C ASP B 244 -13.11 16.04 2.11
N VAL B 245 -14.43 15.83 2.27
CA VAL B 245 -15.45 16.81 2.61
C VAL B 245 -15.16 17.48 3.96
N GLN B 246 -14.61 16.73 4.93
CA GLN B 246 -14.25 17.30 6.23
C GLN B 246 -13.28 18.49 6.12
N GLN B 247 -12.41 18.49 5.10
CA GLN B 247 -11.44 19.57 4.90
C GLN B 247 -12.05 20.86 4.33
N TRP B 248 -13.38 20.96 4.22
CA TRP B 248 -14.02 22.15 3.67
C TRP B 248 -14.39 23.24 4.69
N GLY B 249 -14.12 23.01 5.97
CA GLY B 249 -14.42 24.01 6.99
C GLY B 249 -15.40 23.59 8.06
N PHE B 250 -15.81 22.32 8.07
CA PHE B 250 -16.72 21.80 9.07
C PHE B 250 -15.97 21.55 10.38
N THR B 251 -16.63 21.69 11.54
CA THR B 251 -15.95 21.49 12.83
C THR B 251 -16.27 20.17 13.55
N GLY B 252 -17.55 19.87 13.77
CA GLY B 252 -17.94 18.66 14.49
C GLY B 252 -17.97 17.37 13.68
N ASN B 253 -18.74 16.38 14.14
CA ASN B 253 -18.87 15.09 13.46
C ASN B 253 -19.70 15.18 12.14
N LEU B 254 -19.71 14.09 11.36
CA LEU B 254 -20.44 14.02 10.09
C LEU B 254 -21.94 14.24 10.26
N GLN B 255 -22.57 13.53 11.20
CA GLN B 255 -24.01 13.62 11.37
C GLN B 255 -24.52 15.03 11.72
N SER B 256 -23.84 15.75 12.62
CA SER B 256 -24.27 17.11 12.98
C SER B 256 -24.20 18.04 11.78
N ASN B 257 -23.17 17.89 10.95
CA ASN B 257 -23.02 18.75 9.77
C ASN B 257 -24.04 18.39 8.70
N HIS B 258 -24.32 17.08 8.52
CA HIS B 258 -25.30 16.60 7.54
C HIS B 258 -26.71 17.09 7.92
N ASP B 259 -27.06 16.98 9.21
CA ASP B 259 -28.38 17.36 9.75
C ASP B 259 -28.74 18.84 9.57
N LEU B 260 -27.74 19.72 9.38
CA LEU B 260 -28.00 21.15 9.15
C LEU B 260 -28.77 21.39 7.84
N TYR B 261 -28.54 20.55 6.84
CA TYR B 261 -29.19 20.70 5.54
C TYR B 261 -30.26 19.67 5.29
N CYS B 262 -30.18 18.49 5.92
CA CYS B 262 -31.06 17.40 5.60
C CYS B 262 -31.64 16.69 6.81
N GLN B 263 -32.87 16.20 6.64
CA GLN B 263 -33.61 15.45 7.66
C GLN B 263 -34.13 14.09 7.14
N VAL B 264 -34.09 13.84 5.81
CA VAL B 264 -34.56 12.60 5.21
C VAL B 264 -33.57 11.42 5.37
N HIS B 265 -32.35 11.67 5.85
CA HIS B 265 -31.36 10.60 6.03
C HIS B 265 -31.02 10.37 7.49
N GLY B 266 -31.93 9.71 8.20
CA GLY B 266 -31.72 9.37 9.60
C GLY B 266 -30.58 8.38 9.74
N ASN B 267 -29.65 8.65 10.66
CA ASN B 267 -28.49 7.78 10.87
C ASN B 267 -28.88 6.38 11.34
N ALA B 268 -28.88 5.41 10.41
CA ALA B 268 -29.20 4.04 10.77
C ALA B 268 -28.00 3.22 11.27
N HIS B 269 -26.86 3.90 11.57
CA HIS B 269 -25.62 3.33 12.12
C HIS B 269 -25.08 2.11 11.35
N VAL B 270 -24.56 2.38 10.12
CA VAL B 270 -24.00 1.39 9.20
C VAL B 270 -23.17 2.14 8.13
N ALA B 271 -22.08 1.53 7.63
CA ALA B 271 -21.17 2.14 6.67
C ALA B 271 -21.85 2.83 5.47
N SER B 272 -22.87 2.19 4.86
CA SER B 272 -23.58 2.82 3.74
C SER B 272 -24.32 4.09 4.14
N CYS B 273 -24.84 4.17 5.39
N CYS B 273 -24.82 4.16 5.38
CA CYS B 273 -25.52 5.37 5.84
CA CYS B 273 -25.52 5.34 5.85
C CYS B 273 -24.54 6.52 5.99
C CYS B 273 -24.56 6.51 6.05
N ASP B 274 -23.33 6.24 6.50
CA ASP B 274 -22.30 7.28 6.63
C ASP B 274 -21.86 7.76 5.22
N ALA B 275 -21.80 6.85 4.25
CA ALA B 275 -21.45 7.15 2.86
C ALA B 275 -22.55 8.01 2.18
N ILE B 276 -23.85 7.69 2.45
CA ILE B 276 -25.02 8.43 1.95
C ILE B 276 -25.01 9.86 2.56
N MET B 277 -24.83 9.96 3.89
CA MET B 277 -24.75 11.25 4.60
C MET B 277 -23.60 12.11 4.05
N THR B 278 -22.45 11.48 3.76
CA THR B 278 -21.28 12.20 3.24
C THR B 278 -21.54 12.81 1.86
N ARG B 279 -22.13 12.01 0.95
CA ARG B 279 -22.43 12.53 -0.39
C ARG B 279 -23.53 13.58 -0.29
N CYS B 280 -24.57 13.35 0.53
CA CYS B 280 -25.69 14.28 0.71
C CYS B 280 -25.22 15.63 1.23
N LEU B 281 -24.31 15.63 2.21
CA LEU B 281 -23.76 16.87 2.76
C LEU B 281 -23.00 17.63 1.67
N ALA B 282 -22.13 16.93 0.90
CA ALA B 282 -21.37 17.57 -0.18
C ALA B 282 -22.29 18.15 -1.27
N VAL B 283 -23.38 17.46 -1.61
CA VAL B 283 -24.35 17.95 -2.59
C VAL B 283 -25.07 19.22 -2.08
N HIS B 284 -25.48 19.24 -0.81
CA HIS B 284 -26.17 20.41 -0.26
C HIS B 284 -25.24 21.63 -0.18
N GLU B 285 -23.99 21.40 0.26
CA GLU B 285 -22.97 22.43 0.37
C GLU B 285 -22.65 23.08 -0.97
N CYS B 286 -22.56 22.26 -2.03
CA CYS B 286 -22.14 22.77 -3.33
C CYS B 286 -23.26 23.17 -4.28
N PHE B 287 -24.48 22.63 -4.15
CA PHE B 287 -25.52 22.89 -5.15
C PHE B 287 -26.83 23.47 -4.63
N VAL B 288 -27.05 23.51 -3.32
CA VAL B 288 -28.31 24.00 -2.77
C VAL B 288 -28.21 25.42 -2.17
N LYS B 289 -29.13 26.32 -2.59
CA LYS B 289 -29.28 27.72 -2.15
C LYS B 289 -28.08 28.62 -2.40
S DMS C . 7.86 14.23 -6.78
O DMS C . 8.48 12.99 -7.34
C1 DMS C . 9.15 15.20 -5.98
C2 DMS C . 6.93 13.86 -5.28
ZN ZN D . 11.76 -8.72 -1.88
ZN ZN E . 29.23 -13.59 -15.72
N1 A1IGO F . 15.54 -3.19 18.00
C4 A1IGO F . 11.01 -4.70 18.41
C5 A1IGO F . 11.84 -4.00 17.47
C6 A1IGO F . 11.32 -3.57 16.15
C7 A1IGO F . 11.49 -2.27 15.69
C8 A1IGO F . 10.98 -1.88 14.46
C10 A1IGO F . 10.11 -4.06 14.12
C1 A1IGO F . 14.44 -3.36 17.28
C2 A1IGO F . 13.18 -3.84 17.98
S1 A1IGO F . 13.26 -4.37 19.65
C3 A1IGO F . 11.67 -5.06 19.64
C9 A1IGO F . 10.28 -2.77 13.68
C11 A1IGO F . 10.61 -4.46 15.35
O1 A1IGO F . 14.42 -3.19 16.06
ZN ZN G . -29.13 13.71 3.70
ZN ZN H . -14.57 0.50 -23.11
#